data_5Z2O
#
_entry.id   5Z2O
#
_entity_poly.entity_id   1
_entity_poly.type   'polypeptide(L)'
_entity_poly.pdbx_seq_one_letter_code
;RALRRLARKIAHAVKKYG
;
_entity_poly.pdbx_strand_id   A
#
# COMPACT_ATOMS: atom_id res chain seq x y z
N ARG A 1 -11.50 1.54 8.11
CA ARG A 1 -12.70 1.55 7.30
C ARG A 1 -12.36 1.52 5.82
N ALA A 2 -11.66 2.56 5.36
CA ALA A 2 -11.26 2.64 3.96
C ALA A 2 -9.75 2.49 3.80
N LEU A 3 -9.31 1.26 3.55
CA LEU A 3 -7.89 0.97 3.38
C LEU A 3 -7.58 0.62 1.93
N ARG A 4 -8.40 1.13 1.01
CA ARG A 4 -8.21 0.87 -0.41
C ARG A 4 -7.05 1.70 -0.96
N ARG A 5 -7.02 2.97 -0.59
CA ARG A 5 -5.96 3.88 -1.05
C ARG A 5 -4.74 3.78 -0.15
N LEU A 6 -4.96 3.47 1.12
CA LEU A 6 -3.87 3.35 2.08
C LEU A 6 -3.06 2.08 1.83
N ALA A 7 -3.73 0.92 1.90
CA ALA A 7 -3.08 -0.35 1.68
C ALA A 7 -2.41 -0.40 0.31
N ARG A 8 -2.91 0.41 -0.62
CA ARG A 8 -2.36 0.46 -1.97
C ARG A 8 -0.89 0.88 -1.94
N LYS A 9 -0.63 2.09 -1.44
CA LYS A 9 0.73 2.60 -1.36
C LYS A 9 1.60 1.70 -0.49
N ILE A 10 1.02 1.16 0.57
CA ILE A 10 1.74 0.28 1.48
C ILE A 10 2.22 -0.97 0.76
N ALA A 11 1.28 -1.74 0.23
CA ALA A 11 1.60 -2.97 -0.48
C ALA A 11 2.60 -2.70 -1.61
N HIS A 12 2.30 -1.70 -2.43
CA HIS A 12 3.17 -1.33 -3.54
C HIS A 12 4.58 -1.04 -3.06
N ALA A 13 4.70 -0.10 -2.13
CA ALA A 13 5.99 0.29 -1.57
C ALA A 13 6.76 -0.94 -1.09
N VAL A 14 6.05 -1.86 -0.46
CA VAL A 14 6.67 -3.08 0.06
C VAL A 14 7.05 -4.03 -1.08
N LYS A 15 6.27 -3.98 -2.16
CA LYS A 15 6.52 -4.84 -3.31
C LYS A 15 7.64 -4.26 -4.19
N LYS A 16 7.98 -2.99 -3.94
CA LYS A 16 9.03 -2.32 -4.69
C LYS A 16 10.32 -2.27 -3.90
N TYR A 17 10.22 -1.89 -2.64
CA TYR A 17 11.40 -1.80 -1.77
C TYR A 17 12.01 -3.18 -1.55
N GLY A 18 11.20 -4.11 -1.07
CA GLY A 18 11.67 -5.46 -0.83
C GLY A 18 10.55 -6.45 -0.62
N ARG A 1 -13.44 3.03 7.94
CA ARG A 1 -12.72 1.82 7.56
C ARG A 1 -12.35 1.86 6.08
N ALA A 2 -11.83 3.01 5.64
CA ALA A 2 -11.43 3.17 4.24
C ALA A 2 -9.91 3.03 4.09
N LEU A 3 -9.47 1.85 3.67
CA LEU A 3 -8.05 1.59 3.47
C LEU A 3 -7.78 1.07 2.06
N ARG A 4 -8.64 1.44 1.13
CA ARG A 4 -8.49 1.02 -0.26
C ARG A 4 -7.42 1.84 -0.97
N ARG A 5 -7.35 3.13 -0.63
CA ARG A 5 -6.37 4.02 -1.23
C ARG A 5 -5.08 4.06 -0.40
N LEU A 6 -5.22 3.84 0.90
CA LEU A 6 -4.08 3.86 1.80
C LEU A 6 -3.25 2.59 1.65
N ALA A 7 -3.89 1.43 1.86
CA ALA A 7 -3.22 0.15 1.74
C ALA A 7 -2.58 -0.01 0.36
N ARG A 8 -3.12 0.69 -0.62
CA ARG A 8 -2.60 0.63 -1.98
C ARG A 8 -1.12 0.99 -2.02
N LYS A 9 -0.80 2.20 -1.59
CA LYS A 9 0.59 2.67 -1.57
C LYS A 9 1.43 1.82 -0.63
N ILE A 10 0.84 1.44 0.50
CA ILE A 10 1.54 0.63 1.49
C ILE A 10 2.01 -0.69 0.88
N ALA A 11 1.06 -1.49 0.42
CA ALA A 11 1.37 -2.78 -0.18
C ALA A 11 2.38 -2.62 -1.32
N HIS A 12 2.09 -1.70 -2.23
CA HIS A 12 2.97 -1.45 -3.36
C HIS A 12 4.39 -1.13 -2.89
N ALA A 13 4.52 -0.12 -2.05
CA ALA A 13 5.82 0.29 -1.52
C ALA A 13 6.56 -0.90 -0.92
N VAL A 14 5.82 -1.75 -0.20
CA VAL A 14 6.41 -2.93 0.43
C VAL A 14 6.79 -3.97 -0.61
N LYS A 15 6.04 -4.00 -1.72
CA LYS A 15 6.29 -4.95 -2.79
C LYS A 15 7.48 -4.50 -3.65
N LYS A 16 7.84 -3.23 -3.53
CA LYS A 16 8.95 -2.68 -4.30
C LYS A 16 10.21 -2.59 -3.44
N TYR A 17 10.08 -1.98 -2.27
CA TYR A 17 11.21 -1.83 -1.35
C TYR A 17 11.85 -3.18 -1.05
N GLY A 18 11.02 -4.14 -0.63
CA GLY A 18 11.52 -5.46 -0.32
C GLY A 18 11.46 -6.41 -1.50
N ARG A 1 -13.98 4.21 8.49
CA ARG A 1 -13.26 3.11 7.86
C ARG A 1 -12.92 3.44 6.41
N ALA A 2 -11.64 3.51 6.12
CA ALA A 2 -11.17 3.83 4.76
C ALA A 2 -9.67 3.64 4.64
N LEU A 3 -9.26 2.51 4.07
CA LEU A 3 -7.83 2.20 3.89
C LEU A 3 -7.57 1.61 2.52
N ARG A 4 -8.44 1.94 1.57
CA ARG A 4 -8.30 1.45 0.20
C ARG A 4 -7.20 2.21 -0.54
N ARG A 5 -7.13 3.51 -0.31
CA ARG A 5 -6.13 4.35 -0.96
C ARG A 5 -4.83 4.36 -0.16
N LEU A 6 -4.95 4.21 1.15
CA LEU A 6 -3.79 4.20 2.03
C LEU A 6 -3.01 2.90 1.90
N ALA A 7 -3.67 1.79 2.23
CA ALA A 7 -3.05 0.47 2.16
C ALA A 7 -2.51 0.21 0.76
N ARG A 8 -3.10 0.87 -0.24
CA ARG A 8 -2.68 0.70 -1.63
C ARG A 8 -1.19 1.04 -1.79
N LYS A 9 -0.86 2.29 -1.48
CA LYS A 9 0.53 2.75 -1.60
C LYS A 9 1.45 1.95 -0.67
N ILE A 10 0.95 1.65 0.52
CA ILE A 10 1.72 0.89 1.50
C ILE A 10 2.11 -0.48 0.94
N ALA A 11 1.10 -1.27 0.58
CA ALA A 11 1.34 -2.61 0.05
C ALA A 11 2.25 -2.55 -1.18
N HIS A 12 1.91 -1.67 -2.12
CA HIS A 12 2.70 -1.52 -3.34
C HIS A 12 4.16 -1.20 -3.01
N ALA A 13 4.37 -0.14 -2.25
CA ALA A 13 5.71 0.27 -1.86
C ALA A 13 6.48 -0.90 -1.25
N VAL A 14 5.81 -1.68 -0.42
CA VAL A 14 6.42 -2.83 0.23
C VAL A 14 6.69 -3.95 -0.77
N LYS A 15 5.86 -4.02 -1.81
CA LYS A 15 6.00 -5.04 -2.83
C LYS A 15 7.11 -4.68 -3.81
N LYS A 16 7.50 -3.41 -3.82
CA LYS A 16 8.56 -2.93 -4.70
C LYS A 16 9.88 -2.82 -3.96
N TYR A 17 9.86 -2.12 -2.83
CA TYR A 17 11.06 -1.94 -2.03
C TYR A 17 11.72 -3.28 -1.70
N GLY A 18 10.91 -4.22 -1.23
CA GLY A 18 11.42 -5.54 -0.88
C GLY A 18 11.18 -6.56 -1.99
N ARG A 1 -11.08 0.72 8.40
CA ARG A 1 -12.06 1.14 7.41
C ARG A 1 -11.48 2.18 6.46
N ALA A 2 -11.95 2.18 5.22
CA ALA A 2 -11.47 3.12 4.21
C ALA A 2 -9.95 3.06 4.08
N LEU A 3 -9.43 1.85 3.86
CA LEU A 3 -7.99 1.67 3.72
C LEU A 3 -7.65 1.19 2.31
N ARG A 4 -8.50 1.52 1.36
CA ARG A 4 -8.28 1.13 -0.04
C ARG A 4 -7.06 1.83 -0.62
N ARG A 5 -7.16 3.15 -0.78
CA ARG A 5 -6.07 3.94 -1.33
C ARG A 5 -4.86 3.92 -0.40
N LEU A 6 -5.12 3.82 0.91
CA LEU A 6 -4.06 3.78 1.90
C LEU A 6 -3.23 2.51 1.78
N ALA A 7 -3.85 1.37 2.10
CA ALA A 7 -3.18 0.08 2.03
C ALA A 7 -2.61 -0.15 0.63
N ARG A 8 -3.21 0.48 -0.37
CA ARG A 8 -2.76 0.34 -1.75
C ARG A 8 -1.31 0.79 -1.89
N LYS A 9 -1.06 2.07 -1.63
CA LYS A 9 0.28 2.63 -1.74
C LYS A 9 1.24 1.90 -0.80
N ILE A 10 0.76 1.57 0.40
CA ILE A 10 1.58 0.87 1.37
C ILE A 10 2.08 -0.47 0.82
N ALA A 11 1.14 -1.34 0.48
CA ALA A 11 1.48 -2.66 -0.06
C ALA A 11 2.38 -2.52 -1.28
N HIS A 12 1.98 -1.67 -2.21
CA HIS A 12 2.76 -1.46 -3.44
C HIS A 12 4.19 -1.04 -3.11
N ALA A 13 4.32 0.04 -2.34
CA ALA A 13 5.64 0.55 -1.95
C ALA A 13 6.49 -0.56 -1.34
N VAL A 14 5.85 -1.39 -0.51
CA VAL A 14 6.56 -2.50 0.14
C VAL A 14 6.90 -3.59 -0.86
N LYS A 15 6.07 -3.74 -1.88
CA LYS A 15 6.29 -4.76 -2.90
C LYS A 15 7.34 -4.30 -3.90
N LYS A 16 7.64 -3.01 -3.88
CA LYS A 16 8.64 -2.44 -4.79
C LYS A 16 9.97 -2.23 -4.07
N TYR A 17 9.91 -1.69 -2.87
CA TYR A 17 11.10 -1.43 -2.07
C TYR A 17 11.75 -2.74 -1.64
N GLY A 18 10.96 -3.62 -1.02
CA GLY A 18 11.48 -4.89 -0.56
C GLY A 18 10.86 -5.32 0.75
N ARG A 1 -12.25 0.06 5.95
CA ARG A 1 -12.54 1.33 6.61
C ARG A 1 -11.91 2.49 5.83
N ALA A 2 -12.24 2.59 4.55
CA ALA A 2 -11.72 3.65 3.71
C ALA A 2 -10.19 3.63 3.67
N LEU A 3 -9.63 2.45 3.42
CA LEU A 3 -8.18 2.28 3.36
C LEU A 3 -7.76 1.67 2.03
N ARG A 4 -8.57 1.89 1.00
CA ARG A 4 -8.28 1.35 -0.33
C ARG A 4 -7.08 2.07 -0.95
N ARG A 5 -7.19 3.39 -1.07
CA ARG A 5 -6.11 4.19 -1.65
C ARG A 5 -4.89 4.20 -0.74
N LEU A 6 -5.12 4.08 0.56
CA LEU A 6 -4.04 4.08 1.54
C LEU A 6 -3.27 2.76 1.49
N ALA A 7 -3.96 1.67 1.82
CA ALA A 7 -3.34 0.36 1.82
C ALA A 7 -2.70 0.05 0.46
N ARG A 8 -3.23 0.68 -0.58
CA ARG A 8 -2.71 0.47 -1.93
C ARG A 8 -1.23 0.84 -2.01
N LYS A 9 -0.94 2.11 -1.76
CA LYS A 9 0.44 2.60 -1.81
C LYS A 9 1.31 1.85 -0.80
N ILE A 10 0.75 1.58 0.37
CA ILE A 10 1.48 0.86 1.42
C ILE A 10 1.91 -0.52 0.94
N ALA A 11 0.93 -1.35 0.59
CA ALA A 11 1.20 -2.70 0.12
C ALA A 11 2.18 -2.68 -1.05
N HIS A 12 1.88 -1.85 -2.05
CA HIS A 12 2.74 -1.73 -3.24
C HIS A 12 4.17 -1.39 -2.84
N ALA A 13 4.33 -0.29 -2.11
CA ALA A 13 5.64 0.15 -1.67
C ALA A 13 6.39 -0.98 -0.97
N VAL A 14 5.68 -1.74 -0.14
CA VAL A 14 6.28 -2.86 0.58
C VAL A 14 6.61 -4.01 -0.36
N LYS A 15 5.84 -4.13 -1.44
CA LYS A 15 6.05 -5.19 -2.41
C LYS A 15 7.21 -4.84 -3.35
N LYS A 16 7.58 -3.57 -3.37
CA LYS A 16 8.68 -3.11 -4.22
C LYS A 16 9.96 -2.94 -3.42
N TYR A 17 9.86 -2.20 -2.32
CA TYR A 17 11.02 -1.96 -1.46
C TYR A 17 11.69 -3.28 -1.07
N GLY A 18 10.86 -4.25 -0.67
CA GLY A 18 11.39 -5.54 -0.28
C GLY A 18 10.67 -6.69 -0.94
N ARG A 1 -14.07 3.32 7.25
CA ARG A 1 -13.25 2.20 6.79
C ARG A 1 -12.70 2.47 5.39
N ALA A 2 -12.06 3.62 5.22
CA ALA A 2 -11.49 3.98 3.93
C ALA A 2 -9.98 3.79 3.93
N LEU A 3 -9.54 2.61 3.50
CA LEU A 3 -8.11 2.30 3.45
C LEU A 3 -7.74 1.72 2.09
N ARG A 4 -8.52 2.06 1.06
CA ARG A 4 -8.26 1.58 -0.29
C ARG A 4 -7.08 2.31 -0.92
N ARG A 5 -7.14 3.64 -0.92
CA ARG A 5 -6.08 4.45 -1.49
C ARG A 5 -4.85 4.46 -0.58
N LEU A 6 -5.08 4.30 0.71
CA LEU A 6 -3.98 4.28 1.68
C LEU A 6 -3.22 2.97 1.61
N ALA A 7 -3.89 1.86 1.91
CA ALA A 7 -3.27 0.54 1.86
C ALA A 7 -2.66 0.28 0.50
N ARG A 8 -3.18 0.93 -0.53
CA ARG A 8 -2.68 0.76 -1.89
C ARG A 8 -1.20 1.10 -1.98
N LYS A 9 -0.86 2.34 -1.67
CA LYS A 9 0.52 2.80 -1.70
C LYS A 9 1.38 2.02 -0.72
N ILE A 10 0.81 1.73 0.45
CA ILE A 10 1.53 0.99 1.48
C ILE A 10 1.93 -0.39 0.98
N ALA A 11 0.93 -1.20 0.62
CA ALA A 11 1.19 -2.55 0.12
C ALA A 11 2.18 -2.52 -1.03
N HIS A 12 1.90 -1.68 -2.03
CA HIS A 12 2.76 -1.56 -3.19
C HIS A 12 4.20 -1.24 -2.79
N ALA A 13 4.36 -0.16 -2.03
CA ALA A 13 5.68 0.25 -1.57
C ALA A 13 6.41 -0.90 -0.90
N VAL A 14 5.68 -1.67 -0.09
CA VAL A 14 6.26 -2.81 0.62
C VAL A 14 6.58 -3.95 -0.36
N LYS A 15 5.81 -4.04 -1.43
CA LYS A 15 6.01 -5.08 -2.43
C LYS A 15 7.17 -4.72 -3.36
N LYS A 16 7.55 -3.45 -3.36
CA LYS A 16 8.66 -2.98 -4.20
C LYS A 16 9.94 -2.86 -3.39
N TYR A 17 9.87 -2.15 -2.26
CA TYR A 17 11.03 -1.96 -1.41
C TYR A 17 11.65 -3.30 -1.03
N GLY A 18 10.82 -4.22 -0.53
CA GLY A 18 11.31 -5.52 -0.14
C GLY A 18 10.22 -6.39 0.47
N ARG A 1 -11.81 2.41 8.02
CA ARG A 1 -12.53 1.74 6.94
C ARG A 1 -11.97 2.17 5.57
N ALA A 2 -11.73 3.46 5.42
CA ALA A 2 -11.20 3.99 4.18
C ALA A 2 -9.71 3.70 4.04
N LEU A 3 -9.39 2.43 3.74
CA LEU A 3 -8.00 2.01 3.58
C LEU A 3 -7.77 1.43 2.19
N ARG A 4 -8.56 1.87 1.23
CA ARG A 4 -8.43 1.40 -0.15
C ARG A 4 -7.20 1.99 -0.81
N ARG A 5 -7.18 3.32 -0.94
CA ARG A 5 -6.05 4.00 -1.56
C ARG A 5 -4.84 3.99 -0.64
N LEU A 6 -5.09 3.97 0.67
CA LEU A 6 -4.02 3.97 1.65
C LEU A 6 -3.24 2.64 1.61
N ALA A 7 -3.93 1.55 1.91
CA ALA A 7 -3.32 0.23 1.90
C ALA A 7 -2.68 -0.07 0.55
N ARG A 8 -3.19 0.58 -0.50
CA ARG A 8 -2.66 0.38 -1.84
C ARG A 8 -1.20 0.79 -1.93
N LYS A 9 -0.94 2.08 -1.67
CA LYS A 9 0.42 2.60 -1.72
C LYS A 9 1.32 1.87 -0.73
N ILE A 10 0.78 1.57 0.45
CA ILE A 10 1.53 0.87 1.48
C ILE A 10 1.98 -0.51 0.99
N ALA A 11 1.01 -1.34 0.60
CA ALA A 11 1.31 -2.68 0.11
C ALA A 11 2.27 -2.63 -1.07
N HIS A 12 1.96 -1.80 -2.05
CA HIS A 12 2.78 -1.66 -3.24
C HIS A 12 4.22 -1.30 -2.86
N ALA A 13 4.37 -0.20 -2.12
CA ALA A 13 5.70 0.24 -1.70
C ALA A 13 6.46 -0.89 -1.00
N VAL A 14 5.76 -1.66 -0.18
CA VAL A 14 6.37 -2.77 0.53
C VAL A 14 6.70 -3.91 -0.42
N LYS A 15 5.91 -4.04 -1.48
CA LYS A 15 6.11 -5.10 -2.46
C LYS A 15 7.24 -4.73 -3.43
N LYS A 16 7.60 -3.45 -3.45
CA LYS A 16 8.65 -2.97 -4.33
C LYS A 16 9.97 -2.81 -3.56
N TYR A 17 9.90 -2.12 -2.43
CA TYR A 17 11.08 -1.89 -1.60
C TYR A 17 11.73 -3.21 -1.21
N GLY A 18 10.94 -4.09 -0.60
CA GLY A 18 11.45 -5.38 -0.18
C GLY A 18 11.00 -6.51 -1.07
N ARG A 1 -13.19 2.12 8.15
CA ARG A 1 -12.90 1.28 6.99
C ARG A 1 -12.26 2.10 5.88
N ALA A 2 -11.34 2.99 6.27
CA ALA A 2 -10.65 3.84 5.30
C ALA A 2 -9.19 3.44 5.18
N LEU A 3 -8.93 2.34 4.48
CA LEU A 3 -7.57 1.85 4.29
C LEU A 3 -7.37 1.34 2.86
N ARG A 4 -8.17 1.86 1.93
CA ARG A 4 -8.07 1.46 0.53
C ARG A 4 -6.85 2.06 -0.13
N ARG A 5 -6.80 3.38 -0.20
CA ARG A 5 -5.68 4.09 -0.82
C ARG A 5 -4.44 4.00 0.05
N LEU A 6 -4.65 3.88 1.37
CA LEU A 6 -3.54 3.78 2.31
C LEU A 6 -2.79 2.47 2.14
N ALA A 7 -3.47 1.36 2.42
CA ALA A 7 -2.87 0.04 2.30
C ALA A 7 -2.32 -0.18 0.89
N ARG A 8 -2.90 0.52 -0.08
CA ARG A 8 -2.47 0.40 -1.47
C ARG A 8 -1.02 0.84 -1.63
N LYS A 9 -0.76 2.11 -1.35
CA LYS A 9 0.59 2.66 -1.45
C LYS A 9 1.57 1.89 -0.58
N ILE A 10 1.12 1.52 0.62
CA ILE A 10 1.96 0.78 1.55
C ILE A 10 2.37 -0.56 0.96
N ALA A 11 1.39 -1.39 0.61
CA ALA A 11 1.66 -2.69 0.04
C ALA A 11 2.53 -2.58 -1.21
N HIS A 12 2.12 -1.69 -2.13
CA HIS A 12 2.86 -1.48 -3.37
C HIS A 12 4.31 -1.13 -3.07
N ALA A 13 4.53 -0.08 -2.30
CA ALA A 13 5.87 0.37 -1.95
C ALA A 13 6.69 -0.78 -1.39
N VAL A 14 6.07 -1.60 -0.55
CA VAL A 14 6.75 -2.75 0.05
C VAL A 14 7.01 -3.84 -0.98
N LYS A 15 6.15 -3.92 -1.98
CA LYS A 15 6.28 -4.92 -3.03
C LYS A 15 7.33 -4.48 -4.06
N LYS A 16 7.67 -3.20 -4.04
CA LYS A 16 8.66 -2.66 -4.96
C LYS A 16 10.02 -2.52 -4.28
N TYR A 17 10.03 -1.87 -3.12
CA TYR A 17 11.26 -1.67 -2.37
C TYR A 17 11.96 -3.00 -2.10
N GLY A 18 11.22 -3.95 -1.54
CA GLY A 18 11.78 -5.26 -1.24
C GLY A 18 10.84 -6.11 -0.41
N ARG A 1 -14.26 3.54 7.30
CA ARG A 1 -13.06 2.73 7.07
C ARG A 1 -12.53 2.94 5.66
N ALA A 2 -11.80 4.03 5.46
CA ALA A 2 -11.22 4.35 4.17
C ALA A 2 -9.72 4.03 4.13
N LEU A 3 -9.40 2.83 3.68
CA LEU A 3 -8.00 2.40 3.59
C LEU A 3 -7.69 1.82 2.22
N ARG A 4 -8.44 2.26 1.21
CA ARG A 4 -8.25 1.78 -0.15
C ARG A 4 -7.01 2.44 -0.78
N ARG A 5 -6.92 3.75 -0.67
CA ARG A 5 -5.80 4.49 -1.22
C ARG A 5 -4.58 4.40 -0.31
N LEU A 6 -4.83 4.27 0.99
CA LEU A 6 -3.76 4.17 1.97
C LEU A 6 -3.05 2.82 1.88
N ALA A 7 -3.80 1.75 2.16
CA ALA A 7 -3.25 0.41 2.11
C ALA A 7 -2.63 0.12 0.74
N ARG A 8 -3.12 0.81 -0.28
CA ARG A 8 -2.62 0.63 -1.63
C ARG A 8 -1.15 1.03 -1.72
N LYS A 9 -0.87 2.31 -1.49
CA LYS A 9 0.50 2.82 -1.54
C LYS A 9 1.41 2.04 -0.61
N ILE A 10 0.88 1.67 0.56
CA ILE A 10 1.65 0.91 1.54
C ILE A 10 2.06 -0.46 0.99
N ALA A 11 1.07 -1.27 0.64
CA ALA A 11 1.32 -2.59 0.09
C ALA A 11 2.24 -2.52 -1.13
N HIS A 12 1.89 -1.65 -2.07
CA HIS A 12 2.67 -1.48 -3.29
C HIS A 12 4.13 -1.15 -2.94
N ALA A 13 4.32 -0.08 -2.19
CA ALA A 13 5.66 0.35 -1.80
C ALA A 13 6.44 -0.81 -1.19
N VAL A 14 5.77 -1.60 -0.36
CA VAL A 14 6.40 -2.74 0.30
C VAL A 14 6.68 -3.86 -0.70
N LYS A 15 5.86 -3.94 -1.74
CA LYS A 15 6.03 -4.95 -2.76
C LYS A 15 7.13 -4.57 -3.76
N LYS A 16 7.49 -3.29 -3.75
CA LYS A 16 8.53 -2.79 -4.65
C LYS A 16 9.85 -2.65 -3.91
N TYR A 17 9.83 -1.98 -2.76
CA TYR A 17 11.04 -1.78 -1.96
C TYR A 17 11.71 -3.11 -1.65
N GLY A 18 10.96 -4.01 -1.01
CA GLY A 18 11.50 -5.31 -0.67
C GLY A 18 11.75 -5.45 0.82
N ARG A 1 -13.13 3.45 7.41
CA ARG A 1 -13.40 2.36 6.47
C ARG A 1 -12.98 2.73 5.06
N ALA A 2 -11.89 3.49 4.96
CA ALA A 2 -11.36 3.91 3.67
C ALA A 2 -9.85 3.75 3.60
N LEU A 3 -9.39 2.51 3.41
CA LEU A 3 -7.97 2.24 3.33
C LEU A 3 -7.62 1.56 2.00
N ARG A 4 -8.43 1.81 0.99
CA ARG A 4 -8.21 1.23 -0.33
C ARG A 4 -7.00 1.89 -1.02
N ARG A 5 -7.09 3.20 -1.23
CA ARG A 5 -6.02 3.94 -1.87
C ARG A 5 -4.78 4.01 -0.97
N LEU A 6 -5.01 4.03 0.34
CA LEU A 6 -3.93 4.09 1.31
C LEU A 6 -3.13 2.79 1.33
N ALA A 7 -3.79 1.71 1.75
CA ALA A 7 -3.16 0.40 1.81
C ALA A 7 -2.57 0.00 0.46
N ARG A 8 -3.14 0.55 -0.61
CA ARG A 8 -2.68 0.27 -1.95
C ARG A 8 -1.22 0.67 -2.13
N LYS A 9 -0.94 1.96 -2.00
CA LYS A 9 0.42 2.47 -2.13
C LYS A 9 1.35 1.81 -1.12
N ILE A 10 0.85 1.60 0.09
CA ILE A 10 1.64 0.98 1.15
C ILE A 10 2.09 -0.42 0.75
N ALA A 11 1.13 -1.30 0.53
CA ALA A 11 1.43 -2.67 0.13
C ALA A 11 2.35 -2.70 -1.09
N HIS A 12 1.97 -1.97 -2.12
CA HIS A 12 2.77 -1.91 -3.35
C HIS A 12 4.20 -1.48 -3.05
N ALA A 13 4.34 -0.33 -2.40
CA ALA A 13 5.66 0.19 -2.05
C ALA A 13 6.49 -0.85 -1.32
N VAL A 14 5.85 -1.59 -0.41
CA VAL A 14 6.52 -2.63 0.36
C VAL A 14 6.86 -3.83 -0.52
N LYS A 15 6.04 -4.06 -1.55
CA LYS A 15 6.26 -5.17 -2.46
C LYS A 15 7.34 -4.84 -3.48
N LYS A 16 7.66 -3.56 -3.61
CA LYS A 16 8.68 -3.11 -4.54
C LYS A 16 10.00 -2.85 -3.82
N TYR A 17 9.94 -2.06 -2.75
CA TYR A 17 11.13 -1.72 -1.98
C TYR A 17 11.83 -2.98 -1.50
N GLY A 18 11.09 -3.86 -0.85
CA GLY A 18 11.66 -5.10 -0.34
C GLY A 18 11.78 -5.12 1.17
N ARG A 1 -12.75 3.68 8.18
CA ARG A 1 -12.58 2.38 7.54
C ARG A 1 -12.15 2.56 6.08
N ALA A 2 -11.42 3.64 5.81
CA ALA A 2 -10.95 3.92 4.46
C ALA A 2 -9.47 3.59 4.32
N LEU A 3 -9.18 2.34 3.98
CA LEU A 3 -7.80 1.91 3.80
C LEU A 3 -7.54 1.44 2.37
N ARG A 4 -8.33 1.97 1.44
CA ARG A 4 -8.18 1.62 0.03
C ARG A 4 -6.95 2.27 -0.57
N ARG A 5 -6.87 3.60 -0.46
CA ARG A 5 -5.74 4.34 -1.01
C ARG A 5 -4.53 4.22 -0.10
N LEU A 6 -4.77 4.04 1.20
CA LEU A 6 -3.69 3.90 2.17
C LEU A 6 -2.96 2.58 1.99
N ALA A 7 -3.69 1.48 2.19
CA ALA A 7 -3.10 0.15 2.05
C ALA A 7 -2.48 -0.03 0.67
N ARG A 8 -2.99 0.71 -0.31
CA ARG A 8 -2.49 0.63 -1.67
C ARG A 8 -1.03 1.07 -1.74
N LYS A 9 -0.77 2.33 -1.42
CA LYS A 9 0.59 2.86 -1.44
C LYS A 9 1.51 2.03 -0.56
N ILE A 10 0.99 1.59 0.58
CA ILE A 10 1.78 0.78 1.51
C ILE A 10 2.19 -0.55 0.88
N ALA A 11 1.21 -1.33 0.47
CA ALA A 11 1.46 -2.62 -0.15
C ALA A 11 2.37 -2.47 -1.37
N HIS A 12 2.02 -1.54 -2.26
CA HIS A 12 2.81 -1.29 -3.46
C HIS A 12 4.26 -0.99 -3.11
N ALA A 13 4.46 0.05 -2.29
CA ALA A 13 5.80 0.45 -1.88
C ALA A 13 6.58 -0.75 -1.33
N VAL A 14 5.91 -1.59 -0.55
CA VAL A 14 6.54 -2.76 0.04
C VAL A 14 6.82 -3.82 -1.03
N LYS A 15 5.97 -3.86 -2.06
CA LYS A 15 6.13 -4.81 -3.14
C LYS A 15 7.19 -4.36 -4.14
N LYS A 16 7.56 -3.08 -4.05
CA LYS A 16 8.57 -2.52 -4.93
C LYS A 16 9.92 -2.43 -4.23
N TYR A 17 9.92 -1.89 -3.02
CA TYR A 17 11.15 -1.75 -2.25
C TYR A 17 11.79 -3.10 -1.98
N GLY A 18 11.02 -4.00 -1.38
CA GLY A 18 11.52 -5.33 -1.07
C GLY A 18 10.83 -5.95 0.13
N ARG A 1 -15.05 2.82 6.61
CA ARG A 1 -13.60 2.94 6.60
C ARG A 1 -13.09 3.33 5.21
N ALA A 2 -11.87 3.85 5.16
CA ALA A 2 -11.28 4.26 3.89
C ALA A 2 -9.78 3.97 3.87
N LEU A 3 -9.43 2.78 3.39
CA LEU A 3 -8.02 2.38 3.31
C LEU A 3 -7.71 1.76 1.96
N ARG A 4 -8.47 2.17 0.94
CA ARG A 4 -8.27 1.65 -0.41
C ARG A 4 -7.04 2.29 -1.06
N ARG A 5 -6.98 3.62 -1.02
CA ARG A 5 -5.86 4.35 -1.61
C ARG A 5 -4.65 4.31 -0.68
N LEU A 6 -4.90 4.27 0.62
CA LEU A 6 -3.83 4.24 1.61
C LEU A 6 -3.09 2.91 1.55
N ALA A 7 -3.81 1.83 1.85
CA ALA A 7 -3.22 0.49 1.83
C ALA A 7 -2.59 0.20 0.49
N ARG A 8 -3.07 0.85 -0.56
CA ARG A 8 -2.55 0.65 -1.91
C ARG A 8 -1.07 1.03 -1.97
N LYS A 9 -0.77 2.29 -1.72
CA LYS A 9 0.61 2.77 -1.75
C LYS A 9 1.48 2.00 -0.77
N ILE A 10 0.91 1.67 0.39
CA ILE A 10 1.63 0.93 1.41
C ILE A 10 2.04 -0.44 0.91
N ALA A 11 1.05 -1.27 0.57
CA ALA A 11 1.31 -2.61 0.07
C ALA A 11 2.28 -2.58 -1.11
N HIS A 12 1.98 -1.74 -2.09
CA HIS A 12 2.82 -1.61 -3.28
C HIS A 12 4.26 -1.29 -2.90
N ALA A 13 4.43 -0.19 -2.15
CA ALA A 13 5.76 0.22 -1.71
C ALA A 13 6.51 -0.92 -1.03
N VAL A 14 5.78 -1.69 -0.22
CA VAL A 14 6.38 -2.82 0.48
C VAL A 14 6.69 -3.97 -0.47
N LYS A 15 5.89 -4.08 -1.53
CA LYS A 15 6.07 -5.13 -2.52
C LYS A 15 7.18 -4.77 -3.50
N LYS A 16 7.57 -3.50 -3.50
CA LYS A 16 8.63 -3.01 -4.39
C LYS A 16 9.94 -2.88 -3.64
N TYR A 17 9.91 -2.23 -2.48
CA TYR A 17 11.10 -2.04 -1.67
C TYR A 17 11.70 -3.37 -1.26
N GLY A 18 10.88 -4.21 -0.61
CA GLY A 18 11.36 -5.51 -0.17
C GLY A 18 10.45 -6.13 0.88
N ARG A 1 -14.79 1.88 6.64
CA ARG A 1 -13.39 2.27 6.66
C ARG A 1 -12.81 2.34 5.25
N ALA A 2 -12.13 3.44 4.95
CA ALA A 2 -11.53 3.62 3.63
C ALA A 2 -10.04 3.31 3.66
N LEU A 3 -9.67 2.15 3.14
CA LEU A 3 -8.28 1.73 3.11
C LEU A 3 -7.87 1.29 1.71
N ARG A 4 -8.62 1.75 0.70
CA ARG A 4 -8.34 1.41 -0.69
C ARG A 4 -7.12 2.16 -1.20
N ARG A 5 -7.10 3.47 -0.99
CA ARG A 5 -6.00 4.30 -1.44
C ARG A 5 -4.82 4.20 -0.48
N LEU A 6 -5.11 3.95 0.80
CA LEU A 6 -4.08 3.82 1.81
C LEU A 6 -3.30 2.53 1.65
N ALA A 7 -4.00 1.41 1.81
CA ALA A 7 -3.38 0.10 1.67
C ALA A 7 -2.68 -0.05 0.32
N ARG A 8 -3.18 0.70 -0.67
CA ARG A 8 -2.60 0.65 -2.01
C ARG A 8 -1.12 1.01 -1.98
N LYS A 9 -0.82 2.24 -1.56
CA LYS A 9 0.56 2.72 -1.49
C LYS A 9 1.38 1.84 -0.54
N ILE A 10 0.77 1.43 0.56
CA ILE A 10 1.44 0.58 1.54
C ILE A 10 1.90 -0.72 0.92
N ALA A 11 0.95 -1.50 0.41
CA ALA A 11 1.27 -2.78 -0.23
C ALA A 11 2.29 -2.60 -1.33
N HIS A 12 2.03 -1.65 -2.24
CA HIS A 12 2.93 -1.38 -3.35
C HIS A 12 4.35 -1.08 -2.85
N ALA A 13 4.46 -0.09 -1.99
CA ALA A 13 5.75 0.30 -1.43
C ALA A 13 6.48 -0.91 -0.85
N VAL A 14 5.73 -1.77 -0.15
CA VAL A 14 6.31 -2.97 0.45
C VAL A 14 6.69 -3.99 -0.61
N LYS A 15 5.96 -3.98 -1.73
CA LYS A 15 6.22 -4.91 -2.82
C LYS A 15 7.42 -4.45 -3.65
N LYS A 16 7.78 -3.19 -3.50
CA LYS A 16 8.91 -2.62 -4.23
C LYS A 16 10.16 -2.56 -3.35
N TYR A 17 10.01 -1.98 -2.17
CA TYR A 17 11.13 -1.85 -1.23
C TYR A 17 11.75 -3.22 -0.95
N GLY A 18 10.93 -4.14 -0.45
CA GLY A 18 11.42 -5.47 -0.13
C GLY A 18 10.95 -5.96 1.22
N ARG A 1 -13.72 3.76 6.99
CA ARG A 1 -13.52 2.43 6.40
C ARG A 1 -13.14 2.54 4.93
N ALA A 2 -12.07 3.26 4.65
CA ALA A 2 -11.60 3.43 3.28
C ALA A 2 -10.08 3.31 3.20
N LEU A 3 -9.58 2.08 3.21
CA LEU A 3 -8.15 1.83 3.14
C LEU A 3 -7.76 1.26 1.78
N ARG A 4 -8.56 1.57 0.76
CA ARG A 4 -8.30 1.11 -0.59
C ARG A 4 -7.08 1.80 -1.19
N ARG A 5 -7.09 3.13 -1.15
CA ARG A 5 -5.98 3.91 -1.69
C ARG A 5 -4.79 3.90 -0.74
N LEU A 6 -5.08 3.85 0.55
CA LEU A 6 -4.04 3.83 1.58
C LEU A 6 -3.25 2.53 1.53
N ALA A 7 -3.93 1.42 1.80
CA ALA A 7 -3.29 0.10 1.79
C ALA A 7 -2.62 -0.17 0.45
N ARG A 8 -3.12 0.49 -0.60
CA ARG A 8 -2.57 0.32 -1.94
C ARG A 8 -1.10 0.75 -1.99
N LYS A 9 -0.86 2.03 -1.72
CA LYS A 9 0.50 2.57 -1.73
C LYS A 9 1.38 1.82 -0.74
N ILE A 10 0.80 1.44 0.40
CA ILE A 10 1.55 0.71 1.42
C ILE A 10 2.03 -0.63 0.90
N ALA A 11 1.10 -1.50 0.52
CA ALA A 11 1.43 -2.82 0.00
C ALA A 11 2.40 -2.71 -1.17
N HIS A 12 2.07 -1.86 -2.13
CA HIS A 12 2.91 -1.66 -3.30
C HIS A 12 4.33 -1.28 -2.90
N ALA A 13 4.45 -0.20 -2.13
CA ALA A 13 5.75 0.28 -1.67
C ALA A 13 6.54 -0.84 -1.02
N VAL A 14 5.86 -1.66 -0.22
CA VAL A 14 6.49 -2.77 0.47
C VAL A 14 6.87 -3.88 -0.50
N LYS A 15 6.08 -4.02 -1.57
CA LYS A 15 6.33 -5.04 -2.57
C LYS A 15 7.44 -4.60 -3.53
N LYS A 16 7.76 -3.31 -3.51
CA LYS A 16 8.81 -2.77 -4.37
C LYS A 16 10.11 -2.58 -3.60
N TYR A 17 10.00 -2.06 -2.38
CA TYR A 17 11.17 -1.83 -1.54
C TYR A 17 11.76 -3.15 -1.05
N GLY A 18 10.95 -3.93 -0.35
CA GLY A 18 11.42 -5.21 0.17
C GLY A 18 11.11 -6.36 -0.77
N ARG A 1 -13.02 3.53 8.02
CA ARG A 1 -12.97 2.35 7.18
C ARG A 1 -12.44 2.68 5.79
N ALA A 2 -11.55 3.68 5.72
CA ALA A 2 -10.97 4.10 4.46
C ALA A 2 -9.48 3.79 4.42
N LEU A 3 -9.14 2.62 3.88
CA LEU A 3 -7.74 2.20 3.79
C LEU A 3 -7.44 1.63 2.40
N ARG A 4 -8.21 2.06 1.41
CA ARG A 4 -8.03 1.60 0.04
C ARG A 4 -6.82 2.27 -0.61
N ARG A 5 -6.81 3.60 -0.59
CA ARG A 5 -5.72 4.36 -1.18
C ARG A 5 -4.47 4.30 -0.30
N LEU A 6 -4.69 4.15 1.01
CA LEU A 6 -3.59 4.06 1.96
C LEU A 6 -2.86 2.74 1.84
N ALA A 7 -3.57 1.65 2.13
CA ALA A 7 -2.99 0.31 2.06
C ALA A 7 -2.41 0.05 0.67
N ARG A 8 -2.93 0.74 -0.33
CA ARG A 8 -2.47 0.58 -1.70
C ARG A 8 -1.00 0.99 -1.83
N LYS A 9 -0.73 2.26 -1.58
CA LYS A 9 0.63 2.78 -1.66
C LYS A 9 1.58 2.00 -0.75
N ILE A 10 1.06 1.58 0.41
CA ILE A 10 1.86 0.82 1.36
C ILE A 10 2.27 -0.54 0.78
N ALA A 11 1.27 -1.35 0.45
CA ALA A 11 1.53 -2.67 -0.12
C ALA A 11 2.41 -2.58 -1.36
N HIS A 12 2.03 -1.70 -2.28
CA HIS A 12 2.78 -1.51 -3.52
C HIS A 12 4.23 -1.17 -3.21
N ALA A 13 4.45 -0.10 -2.45
CA ALA A 13 5.80 0.32 -2.09
C ALA A 13 6.60 -0.83 -1.50
N VAL A 14 5.95 -1.64 -0.66
CA VAL A 14 6.60 -2.78 -0.05
C VAL A 14 6.86 -3.88 -1.06
N LYS A 15 6.00 -3.97 -2.06
CA LYS A 15 6.14 -4.98 -3.11
C LYS A 15 7.19 -4.57 -4.14
N LYS A 16 7.55 -3.29 -4.12
CA LYS A 16 8.54 -2.77 -5.05
C LYS A 16 9.90 -2.63 -4.38
N TYR A 17 9.93 -2.01 -3.21
CA TYR A 17 11.16 -1.83 -2.46
C TYR A 17 11.82 -3.16 -2.15
N GLY A 18 11.11 -4.01 -1.42
CA GLY A 18 11.64 -5.31 -1.06
C GLY A 18 10.65 -6.43 -1.31
N ARG A 1 -12.21 1.91 7.71
CA ARG A 1 -13.41 2.18 6.93
C ARG A 1 -13.08 2.29 5.45
N ALA A 2 -11.93 2.89 5.14
CA ALA A 2 -11.51 3.06 3.76
C ALA A 2 -10.00 2.89 3.63
N LEU A 3 -9.55 1.65 3.50
CA LEU A 3 -8.13 1.36 3.36
C LEU A 3 -7.77 1.03 1.92
N ARG A 4 -8.57 1.54 0.98
CA ARG A 4 -8.34 1.30 -0.44
C ARG A 4 -7.12 2.09 -0.93
N ARG A 5 -7.09 3.37 -0.62
CA ARG A 5 -5.98 4.22 -1.03
C ARG A 5 -4.78 4.06 -0.09
N LEU A 6 -5.07 3.73 1.16
CA LEU A 6 -4.02 3.55 2.16
C LEU A 6 -3.24 2.26 1.90
N ALA A 7 -3.95 1.13 1.97
CA ALA A 7 -3.33 -0.17 1.74
C ALA A 7 -2.62 -0.21 0.39
N ARG A 8 -3.10 0.61 -0.54
CA ARG A 8 -2.52 0.67 -1.88
C ARG A 8 -1.05 1.08 -1.82
N LYS A 9 -0.81 2.29 -1.36
CA LYS A 9 0.55 2.82 -1.25
C LYS A 9 1.41 1.90 -0.38
N ILE A 10 0.81 1.36 0.67
CA ILE A 10 1.53 0.46 1.58
C ILE A 10 1.99 -0.80 0.85
N ALA A 11 1.03 -1.52 0.28
CA ALA A 11 1.34 -2.75 -0.44
C ALA A 11 2.33 -2.49 -1.57
N HIS A 12 2.05 -1.47 -2.37
CA HIS A 12 2.91 -1.11 -3.50
C HIS A 12 4.34 -0.85 -3.02
N ALA A 13 4.49 0.08 -2.09
CA ALA A 13 5.80 0.42 -1.55
C ALA A 13 6.54 -0.83 -1.07
N VAL A 14 5.80 -1.72 -0.42
CA VAL A 14 6.38 -2.97 0.08
C VAL A 14 6.73 -3.93 -1.05
N LYS A 15 5.96 -3.84 -2.13
CA LYS A 15 6.19 -4.70 -3.29
C LYS A 15 7.32 -4.15 -4.16
N LYS A 16 7.70 -2.90 -3.92
CA LYS A 16 8.77 -2.26 -4.67
C LYS A 16 10.07 -2.26 -3.87
N TYR A 17 9.96 -1.95 -2.58
CA TYR A 17 11.13 -1.90 -1.70
C TYR A 17 11.67 -3.31 -1.45
N GLY A 18 10.79 -4.21 -1.02
CA GLY A 18 11.19 -5.58 -0.74
C GLY A 18 10.67 -6.56 -1.78
N ARG A 1 -11.64 0.75 7.97
CA ARG A 1 -12.42 1.37 6.91
C ARG A 1 -11.60 2.45 6.21
N ALA A 2 -11.99 2.79 4.98
CA ALA A 2 -11.29 3.81 4.21
C ALA A 2 -9.80 3.52 4.14
N LEU A 3 -9.45 2.34 3.62
CA LEU A 3 -8.05 1.94 3.50
C LEU A 3 -7.76 1.42 2.10
N ARG A 4 -8.53 1.89 1.12
CA ARG A 4 -8.35 1.46 -0.26
C ARG A 4 -7.10 2.09 -0.86
N ARG A 5 -7.05 3.42 -0.87
CA ARG A 5 -5.91 4.13 -1.42
C ARG A 5 -4.70 4.04 -0.50
N LEU A 6 -4.96 3.99 0.80
CA LEU A 6 -3.91 3.89 1.80
C LEU A 6 -3.16 2.57 1.69
N ALA A 7 -3.87 1.48 1.93
CA ALA A 7 -3.28 0.14 1.84
C ALA A 7 -2.65 -0.09 0.47
N ARG A 8 -3.16 0.62 -0.53
CA ARG A 8 -2.64 0.49 -1.89
C ARG A 8 -1.19 0.95 -1.97
N LYS A 9 -0.98 2.24 -1.70
CA LYS A 9 0.37 2.81 -1.74
C LYS A 9 1.31 2.05 -0.82
N ILE A 10 0.81 1.63 0.34
CA ILE A 10 1.61 0.90 1.31
C ILE A 10 2.07 -0.44 0.73
N ALA A 11 1.10 -1.28 0.37
CA ALA A 11 1.40 -2.59 -0.20
C ALA A 11 2.31 -2.47 -1.41
N HIS A 12 1.93 -1.60 -2.34
CA HIS A 12 2.72 -1.38 -3.55
C HIS A 12 4.16 -1.02 -3.20
N ALA A 13 4.32 0.05 -2.42
CA ALA A 13 5.64 0.51 -2.02
C ALA A 13 6.46 -0.63 -1.43
N VAL A 14 5.82 -1.46 -0.62
CA VAL A 14 6.48 -2.60 0.01
C VAL A 14 6.79 -3.69 -1.00
N LYS A 15 5.96 -3.79 -2.03
CA LYS A 15 6.15 -4.79 -3.07
C LYS A 15 7.19 -4.33 -4.08
N LYS A 16 7.52 -3.04 -4.04
CA LYS A 16 8.51 -2.48 -4.95
C LYS A 16 9.86 -2.32 -4.26
N TYR A 17 9.85 -1.73 -3.07
CA TYR A 17 11.06 -1.51 -2.30
C TYR A 17 11.75 -2.84 -1.99
N GLY A 18 10.97 -3.76 -1.41
CA GLY A 18 11.52 -5.07 -1.06
C GLY A 18 11.87 -5.17 0.41
N ARG A 1 -12.94 2.96 8.40
CA ARG A 1 -13.19 1.97 7.37
C ARG A 1 -12.73 2.49 6.01
N ALA A 2 -11.47 2.90 5.93
CA ALA A 2 -10.93 3.42 4.67
C ALA A 2 -9.42 3.16 4.59
N LEU A 3 -9.05 2.06 3.95
CA LEU A 3 -7.65 1.69 3.80
C LEU A 3 -7.37 1.17 2.39
N ARG A 4 -8.19 1.60 1.44
CA ARG A 4 -8.04 1.17 0.05
C ARG A 4 -6.87 1.91 -0.60
N ARG A 5 -6.89 3.23 -0.53
CA ARG A 5 -5.84 4.06 -1.12
C ARG A 5 -4.58 4.02 -0.25
N LEU A 6 -4.77 3.85 1.04
CA LEU A 6 -3.65 3.80 1.97
C LEU A 6 -2.84 2.51 1.80
N ALA A 7 -3.48 1.38 2.11
CA ALA A 7 -2.83 0.08 1.97
C ALA A 7 -2.27 -0.12 0.57
N ARG A 8 -2.88 0.55 -0.40
CA ARG A 8 -2.45 0.45 -1.79
C ARG A 8 -0.98 0.85 -1.94
N LYS A 9 -0.68 2.10 -1.62
CA LYS A 9 0.69 2.60 -1.72
C LYS A 9 1.62 1.82 -0.80
N ILE A 10 1.13 1.46 0.38
CA ILE A 10 1.93 0.70 1.34
C ILE A 10 2.35 -0.63 0.76
N ALA A 11 1.38 -1.47 0.43
CA ALA A 11 1.66 -2.78 -0.14
C ALA A 11 2.57 -2.67 -1.37
N HIS A 12 2.19 -1.80 -2.30
CA HIS A 12 2.98 -1.59 -3.50
C HIS A 12 4.42 -1.22 -3.17
N ALA A 13 4.58 -0.16 -2.38
CA ALA A 13 5.91 0.29 -1.99
C ALA A 13 6.73 -0.85 -1.40
N VAL A 14 6.09 -1.68 -0.59
CA VAL A 14 6.75 -2.82 0.03
C VAL A 14 7.06 -3.90 -1.00
N LYS A 15 6.22 -4.00 -2.01
CA LYS A 15 6.41 -4.99 -3.07
C LYS A 15 7.46 -4.55 -4.07
N LYS A 16 7.81 -3.27 -4.02
CA LYS A 16 8.82 -2.70 -4.92
C LYS A 16 10.15 -2.55 -4.21
N TYR A 17 10.12 -1.94 -3.02
CA TYR A 17 11.34 -1.72 -2.24
C TYR A 17 12.01 -3.06 -1.90
N GLY A 18 11.30 -3.89 -1.14
CA GLY A 18 11.84 -5.18 -0.76
C GLY A 18 12.98 -5.07 0.24
N ARG A 1 -13.23 0.55 5.37
CA ARG A 1 -12.89 1.49 6.45
C ARG A 1 -11.99 2.61 5.92
N ALA A 2 -12.17 2.97 4.66
CA ALA A 2 -11.37 4.02 4.05
C ALA A 2 -9.89 3.65 4.03
N LEU A 3 -9.58 2.50 3.43
CA LEU A 3 -8.20 2.04 3.35
C LEU A 3 -7.87 1.56 1.95
N ARG A 4 -8.58 2.11 0.96
CA ARG A 4 -8.37 1.74 -0.43
C ARG A 4 -7.05 2.32 -0.94
N ARG A 5 -6.99 3.65 -1.04
CA ARG A 5 -5.79 4.32 -1.51
C ARG A 5 -4.64 4.17 -0.51
N LEU A 6 -4.98 4.04 0.76
CA LEU A 6 -3.99 3.89 1.81
C LEU A 6 -3.25 2.56 1.67
N ALA A 7 -3.98 1.47 1.86
CA ALA A 7 -3.41 0.13 1.75
C ALA A 7 -2.71 -0.05 0.41
N ARG A 8 -3.15 0.68 -0.60
CA ARG A 8 -2.56 0.60 -1.93
C ARG A 8 -1.10 1.03 -1.91
N LYS A 9 -0.88 2.31 -1.59
CA LYS A 9 0.48 2.85 -1.53
C LYS A 9 1.35 2.02 -0.59
N ILE A 10 0.78 1.60 0.53
CA ILE A 10 1.50 0.81 1.52
C ILE A 10 1.96 -0.52 0.92
N ALA A 11 0.99 -1.31 0.45
CA ALA A 11 1.30 -2.60 -0.15
C ALA A 11 2.28 -2.46 -1.31
N HIS A 12 2.00 -1.52 -2.21
CA HIS A 12 2.85 -1.29 -3.36
C HIS A 12 4.28 -0.98 -2.92
N ALA A 13 4.44 0.05 -2.10
CA ALA A 13 5.75 0.44 -1.60
C ALA A 13 6.49 -0.76 -1.01
N VAL A 14 5.76 -1.58 -0.26
CA VAL A 14 6.35 -2.76 0.37
C VAL A 14 6.69 -3.83 -0.68
N LYS A 15 5.91 -3.86 -1.75
CA LYS A 15 6.13 -4.83 -2.82
C LYS A 15 7.26 -4.38 -3.75
N LYS A 16 7.62 -3.10 -3.63
CA LYS A 16 8.68 -2.54 -4.47
C LYS A 16 9.99 -2.45 -3.69
N TYR A 17 9.90 -2.02 -2.43
CA TYR A 17 11.08 -1.89 -1.58
C TYR A 17 11.62 -3.25 -1.19
N GLY A 18 10.72 -4.15 -0.79
CA GLY A 18 11.12 -5.49 -0.40
C GLY A 18 10.32 -6.01 0.77
N ARG A 1 -10.95 1.20 8.14
CA ARG A 1 -11.93 2.07 7.51
C ARG A 1 -11.25 3.05 6.56
N ALA A 2 -11.73 3.08 5.31
CA ALA A 2 -11.17 3.97 4.30
C ALA A 2 -9.69 3.69 4.08
N LEU A 3 -9.35 2.42 3.90
CA LEU A 3 -7.97 2.02 3.69
C LEU A 3 -7.75 1.58 2.23
N ARG A 4 -8.54 2.14 1.33
CA ARG A 4 -8.43 1.80 -0.08
C ARG A 4 -7.16 2.39 -0.69
N ARG A 5 -7.07 3.71 -0.68
CA ARG A 5 -5.90 4.39 -1.23
C ARG A 5 -4.69 4.24 -0.32
N LEU A 6 -4.96 4.10 0.99
CA LEU A 6 -3.89 3.94 1.97
C LEU A 6 -3.18 2.60 1.79
N ALA A 7 -3.93 1.51 1.95
CA ALA A 7 -3.37 0.18 1.81
C ALA A 7 -2.70 0.00 0.45
N ARG A 8 -3.15 0.78 -0.53
CA ARG A 8 -2.59 0.71 -1.87
C ARG A 8 -1.14 1.16 -1.88
N LYS A 9 -0.91 2.42 -1.54
CA LYS A 9 0.45 2.97 -1.51
C LYS A 9 1.36 2.12 -0.62
N ILE A 10 0.79 1.62 0.47
CA ILE A 10 1.56 0.79 1.41
C ILE A 10 1.98 -0.53 0.76
N ALA A 11 1.00 -1.30 0.32
CA ALA A 11 1.27 -2.58 -0.32
C ALA A 11 2.19 -2.41 -1.53
N HIS A 12 1.86 -1.46 -2.39
CA HIS A 12 2.67 -1.20 -3.58
C HIS A 12 4.11 -0.90 -3.20
N ALA A 13 4.29 0.11 -2.36
CA ALA A 13 5.63 0.50 -1.93
C ALA A 13 6.40 -0.69 -1.38
N VAL A 14 5.71 -1.54 -0.64
CA VAL A 14 6.34 -2.74 -0.06
C VAL A 14 6.63 -3.78 -1.14
N LYS A 15 5.81 -3.79 -2.18
CA LYS A 15 5.98 -4.73 -3.27
C LYS A 15 7.05 -4.25 -4.25
N LYS A 16 7.41 -2.97 -4.13
CA LYS A 16 8.42 -2.39 -5.00
C LYS A 16 9.77 -2.31 -4.28
N TYR A 17 9.77 -1.79 -3.06
CA TYR A 17 10.98 -1.67 -2.27
C TYR A 17 11.63 -3.03 -2.04
N GLY A 18 10.81 -4.00 -1.65
CA GLY A 18 11.32 -5.34 -1.40
C GLY A 18 10.22 -6.39 -1.41
#